data_2JAG
#
_entry.id   2JAG
#
_cell.length_a   95.042
_cell.length_b   95.042
_cell.length_c   157.674
_cell.angle_alpha   90.00
_cell.angle_beta   90.00
_cell.angle_gamma   120.00
#
_symmetry.space_group_name_H-M   'H 3 2'
#
loop_
_entity.id
_entity.type
_entity.pdbx_description
1 polymer Halorhodopsin
2 non-polymer 'CHLORIDE ION'
3 non-polymer 'PALMITIC ACID'
4 non-polymer 'octyl beta-D-glucopyranoside'
5 non-polymer RETINAL
6 water water
#
_entity_poly.entity_id   1
_entity_poly.type   'polypeptide(L)'
_entity_poly.pdbx_seq_one_letter_code
;MSITSVPGVVDAGVLGAQSAAAVRENALLSSSLWVNVALAGIAILVFVYMGRTIRPGRPRLIWGATLMIPLVSISSYLGL
LSGLTVGMIEMPAGHALAGEMVRSQWGRYLTWALSTPMILLALGLLADVDLGSLFTVIAADIGMCVTGLAAAMTTSALLF
RWAFYAISCAFFVVVLSALVTDWAASASSAGTAEIFDTLRVLVVVLWLGYPIVWAVGVEGLALVQSVGATSWAYSVLDVF
AKYVFAFILLRWVANNERTVAVAGQTLGTMSSDD
;
_entity_poly.pdbx_strand_id   A
#
loop_
_chem_comp.id
_chem_comp.type
_chem_comp.name
_chem_comp.formula
BOG D-saccharide 'octyl beta-D-glucopyranoside' 'C14 H28 O6'
CL non-polymer 'CHLORIDE ION' 'Cl -1'
PLM non-polymer 'PALMITIC ACID' 'C16 H32 O2'
RET non-polymer RETINAL 'C20 H28 O'
#
# COMPACT_ATOMS: atom_id res chain seq x y z
N ALA A 22 21.92 -4.81 -4.41
CA ALA A 22 23.25 -4.61 -5.05
C ALA A 22 24.36 -4.67 -4.02
N VAL A 23 25.55 -4.20 -4.40
CA VAL A 23 26.71 -4.21 -3.51
C VAL A 23 26.50 -3.17 -2.41
N ARG A 24 25.31 -3.21 -1.83
CA ARG A 24 24.88 -2.31 -0.76
C ARG A 24 25.60 -2.52 0.57
N GLU A 25 26.16 -1.45 1.10
CA GLU A 25 26.85 -1.48 2.38
C GLU A 25 26.20 -0.44 3.29
N ASN A 26 25.11 0.14 2.78
CA ASN A 26 24.37 1.15 3.52
C ASN A 26 23.49 0.46 4.56
N ALA A 27 23.83 0.63 5.83
CA ALA A 27 23.07 0.03 6.92
C ALA A 27 21.69 0.67 7.04
N LEU A 28 21.61 1.96 6.78
CA LEU A 28 20.36 2.70 6.87
C LEU A 28 19.35 2.06 5.90
N LEU A 29 19.81 1.84 4.67
CA LEU A 29 18.97 1.25 3.64
C LEU A 29 18.65 -0.22 3.96
N SER A 30 19.67 -1.00 4.27
CA SER A 30 19.50 -2.42 4.58
C SER A 30 18.53 -2.65 5.73
N SER A 31 18.69 -1.90 6.82
CA SER A 31 17.85 -2.07 7.99
C SER A 31 16.37 -1.77 7.72
N SER A 32 16.10 -0.80 6.85
CA SER A 32 14.71 -0.44 6.54
C SER A 32 13.96 -1.57 5.85
N LEU A 33 14.71 -2.52 5.28
CA LEU A 33 14.10 -3.65 4.57
C LEU A 33 13.96 -4.88 5.46
N TRP A 34 15.03 -5.23 6.18
CA TRP A 34 14.99 -6.40 7.06
C TRP A 34 13.98 -6.21 8.18
N VAL A 35 13.85 -4.97 8.67
CA VAL A 35 12.92 -4.70 9.75
C VAL A 35 11.51 -5.15 9.39
N ASN A 36 11.09 -4.87 8.16
CA ASN A 36 9.75 -5.26 7.76
C ASN A 36 9.59 -6.71 7.35
N VAL A 37 10.70 -7.38 7.07
CA VAL A 37 10.60 -8.80 6.76
C VAL A 37 10.22 -9.45 8.10
N ALA A 38 10.84 -8.98 9.17
CA ALA A 38 10.59 -9.50 10.52
C ALA A 38 9.18 -9.14 11.01
N LEU A 39 8.80 -7.87 10.90
CA LEU A 39 7.49 -7.45 11.34
C LEU A 39 6.38 -8.12 10.53
N ALA A 40 6.57 -8.24 9.22
CA ALA A 40 5.56 -8.88 8.36
C ALA A 40 5.43 -10.36 8.75
N GLY A 41 6.55 -10.99 9.07
CA GLY A 41 6.52 -12.39 9.47
C GLY A 41 5.78 -12.56 10.78
N ILE A 42 6.01 -11.66 11.72
CA ILE A 42 5.34 -11.71 13.01
C ILE A 42 3.83 -11.49 12.81
N ALA A 43 3.50 -10.58 11.90
CA ALA A 43 2.10 -10.28 11.60
C ALA A 43 1.35 -11.52 11.13
N ILE A 44 1.93 -12.24 10.18
CA ILE A 44 1.31 -13.45 9.63
C ILE A 44 0.97 -14.44 10.73
N LEU A 45 1.90 -14.67 11.65
CA LEU A 45 1.69 -15.60 12.76
C LEU A 45 0.58 -15.12 13.67
N VAL A 46 0.61 -13.85 14.02
CA VAL A 46 -0.40 -13.25 14.89
C VAL A 46 -1.78 -13.41 14.24
N PHE A 47 -1.87 -13.15 12.94
CA PHE A 47 -3.14 -13.24 12.23
C PHE A 47 -3.66 -14.68 12.12
N VAL A 48 -2.79 -15.62 11.77
CA VAL A 48 -3.21 -17.01 11.67
C VAL A 48 -3.79 -17.43 13.00
N TYR A 49 -3.12 -17.05 14.07
CA TYR A 49 -3.53 -17.35 15.43
C TYR A 49 -4.90 -16.72 15.75
N MET A 50 -5.02 -15.43 15.45
CA MET A 50 -6.26 -14.70 15.72
C MET A 50 -7.45 -15.32 15.00
N GLY A 51 -7.19 -16.02 13.90
CA GLY A 51 -8.27 -16.63 13.13
C GLY A 51 -8.61 -18.04 13.57
N ARG A 52 -7.97 -18.49 14.65
CA ARG A 52 -8.19 -19.83 15.18
C ARG A 52 -9.66 -20.19 15.32
N THR A 53 -10.43 -19.31 15.96
CA THR A 53 -11.85 -19.55 16.17
C THR A 53 -12.76 -18.61 15.39
N ILE A 54 -12.53 -18.49 14.09
CA ILE A 54 -13.36 -17.64 13.23
C ILE A 54 -14.39 -18.52 12.54
N ARG A 55 -15.66 -18.13 12.67
CA ARG A 55 -16.76 -18.88 12.06
C ARG A 55 -16.72 -18.78 10.54
N PRO A 56 -17.16 -19.84 9.85
CA PRO A 56 -17.18 -19.85 8.38
C PRO A 56 -18.08 -18.74 7.84
N GLY A 57 -17.91 -18.42 6.56
CA GLY A 57 -18.72 -17.38 5.95
C GLY A 57 -17.97 -16.06 5.77
N ARG A 58 -18.69 -14.96 5.89
CA ARG A 58 -18.10 -13.63 5.74
C ARG A 58 -16.85 -13.43 6.60
N PRO A 59 -16.94 -13.72 7.91
CA PRO A 59 -15.78 -13.55 8.79
C PRO A 59 -14.51 -14.24 8.28
N ARG A 60 -14.59 -15.56 8.13
CA ARG A 60 -13.48 -16.37 7.66
C ARG A 60 -12.87 -15.81 6.38
N LEU A 61 -13.73 -15.34 5.47
CA LEU A 61 -13.26 -14.79 4.20
C LEU A 61 -12.42 -13.53 4.42
N ILE A 62 -12.94 -12.57 5.18
CA ILE A 62 -12.20 -11.36 5.45
C ILE A 62 -10.87 -11.71 6.11
N TRP A 63 -10.87 -12.80 6.90
CA TRP A 63 -9.66 -13.26 7.57
C TRP A 63 -8.65 -13.67 6.50
N GLY A 64 -9.15 -14.31 5.44
CA GLY A 64 -8.28 -14.75 4.36
C GLY A 64 -7.67 -13.57 3.63
N ALA A 65 -8.52 -12.61 3.28
CA ALA A 65 -8.08 -11.40 2.58
C ALA A 65 -7.02 -10.67 3.40
N THR A 66 -7.14 -10.74 4.73
CA THR A 66 -6.22 -10.07 5.63
C THR A 66 -4.84 -10.73 5.72
N LEU A 67 -4.79 -12.06 5.74
CA LEU A 67 -3.52 -12.79 5.80
C LEU A 67 -2.67 -12.51 4.57
N MET A 68 -3.32 -12.26 3.44
CA MET A 68 -2.65 -11.99 2.16
C MET A 68 -1.82 -10.71 2.16
N ILE A 69 -2.23 -9.74 2.97
CA ILE A 69 -1.54 -8.45 3.03
C ILE A 69 -0.08 -8.58 3.48
N PRO A 70 0.16 -9.22 4.63
CA PRO A 70 1.56 -9.36 5.05
C PRO A 70 2.36 -10.35 4.17
N LEU A 71 1.67 -11.32 3.57
CA LEU A 71 2.33 -12.29 2.69
C LEU A 71 2.88 -11.59 1.46
N VAL A 72 2.07 -10.73 0.87
CA VAL A 72 2.48 -9.96 -0.32
C VAL A 72 3.60 -9.01 0.10
N SER A 73 3.43 -8.37 1.24
CA SER A 73 4.46 -7.45 1.75
C SER A 73 5.83 -8.13 1.90
N ILE A 74 5.86 -9.33 2.48
CA ILE A 74 7.14 -10.05 2.64
C ILE A 74 7.77 -10.30 1.28
N SER A 75 6.94 -10.69 0.30
CA SER A 75 7.44 -10.94 -1.05
C SER A 75 8.09 -9.67 -1.61
N SER A 76 7.48 -8.52 -1.33
CA SER A 76 7.99 -7.24 -1.81
C SER A 76 9.37 -6.91 -1.23
N TYR A 77 9.51 -7.07 0.08
CA TYR A 77 10.79 -6.78 0.72
C TYR A 77 11.88 -7.77 0.31
N LEU A 78 11.50 -8.99 -0.06
CA LEU A 78 12.48 -9.97 -0.50
C LEU A 78 13.01 -9.51 -1.87
N GLY A 79 12.10 -9.03 -2.71
CA GLY A 79 12.51 -8.55 -4.02
C GLY A 79 13.52 -7.43 -3.91
N LEU A 80 13.29 -6.51 -2.98
CA LEU A 80 14.19 -5.38 -2.79
C LEU A 80 15.54 -5.81 -2.19
N LEU A 81 15.48 -6.64 -1.13
CA LEU A 81 16.68 -7.11 -0.47
C LEU A 81 17.59 -7.91 -1.40
N SER A 82 16.98 -8.71 -2.27
CA SER A 82 17.73 -9.54 -3.22
C SER A 82 18.29 -8.74 -4.39
N GLY A 83 17.76 -7.54 -4.58
CA GLY A 83 18.22 -6.72 -5.70
C GLY A 83 17.43 -6.97 -6.97
N LEU A 84 16.58 -7.99 -6.95
CA LEU A 84 15.76 -8.32 -8.11
C LEU A 84 14.88 -7.17 -8.61
N THR A 85 14.25 -6.44 -7.67
CA THR A 85 13.37 -5.35 -8.07
C THR A 85 13.86 -3.93 -7.74
N VAL A 86 15.17 -3.74 -7.83
CA VAL A 86 15.80 -2.45 -7.57
C VAL A 86 16.66 -2.19 -8.80
N GLY A 87 16.73 -0.94 -9.23
CA GLY A 87 17.54 -0.62 -10.40
C GLY A 87 18.09 0.79 -10.37
N MET A 88 19.02 1.09 -11.28
CA MET A 88 19.63 2.41 -11.37
C MET A 88 18.94 3.19 -12.49
N ILE A 89 18.47 4.38 -12.17
CA ILE A 89 17.78 5.24 -13.13
C ILE A 89 18.51 6.58 -13.24
N GLU A 90 18.80 7.02 -14.48
CA GLU A 90 19.48 8.31 -14.66
C GLU A 90 18.44 9.42 -14.68
N MET A 91 18.62 10.42 -13.83
CA MET A 91 17.68 11.52 -13.76
C MET A 91 17.87 12.50 -14.91
N PRO A 92 16.77 13.03 -15.47
CA PRO A 92 16.79 13.96 -16.59
C PRO A 92 17.15 15.40 -16.19
N ALA A 93 17.47 16.21 -17.19
CA ALA A 93 17.81 17.61 -17.00
C ALA A 93 16.70 18.31 -16.22
N GLY A 94 17.09 19.17 -15.28
CA GLY A 94 16.12 19.89 -14.47
C GLY A 94 15.98 19.33 -13.06
N HIS A 95 16.16 18.01 -12.95
CA HIS A 95 16.08 17.31 -11.67
C HIS A 95 17.26 17.73 -10.79
N ALA A 96 17.05 17.79 -9.47
CA ALA A 96 18.11 18.18 -8.55
C ALA A 96 19.37 17.32 -8.72
N LEU A 97 19.19 16.10 -9.23
CA LEU A 97 20.31 15.17 -9.44
C LEU A 97 20.47 14.84 -10.92
N ALA A 98 20.11 15.79 -11.77
CA ALA A 98 20.20 15.62 -13.21
C ALA A 98 21.55 15.05 -13.63
N GLY A 99 21.53 14.03 -14.47
CA GLY A 99 22.77 13.43 -14.95
C GLY A 99 23.37 12.34 -14.08
N GLU A 100 22.81 12.13 -12.89
CA GLU A 100 23.32 11.11 -11.98
C GLU A 100 22.39 9.89 -12.00
N MET A 101 22.93 8.75 -11.55
CA MET A 101 22.18 7.50 -11.49
C MET A 101 21.68 7.33 -10.06
N VAL A 102 20.39 7.08 -9.89
CA VAL A 102 19.85 6.90 -8.55
C VAL A 102 19.22 5.53 -8.38
N ARG A 103 19.34 4.99 -7.16
CA ARG A 103 18.79 3.69 -6.82
C ARG A 103 17.27 3.79 -6.69
N SER A 104 16.55 3.10 -7.55
CA SER A 104 15.08 3.13 -7.52
C SER A 104 14.50 1.80 -7.02
N GLN A 105 13.72 1.86 -5.95
CA GLN A 105 13.09 0.66 -5.41
C GLN A 105 11.77 0.45 -6.15
N TRP A 106 11.87 0.23 -7.46
CA TRP A 106 10.67 0.05 -8.27
C TRP A 106 9.82 -1.15 -7.85
N GLY A 107 10.42 -2.09 -7.12
CA GLY A 107 9.67 -3.24 -6.65
C GLY A 107 8.53 -2.82 -5.74
N ARG A 108 8.70 -1.71 -5.01
CA ARG A 108 7.63 -1.24 -4.13
C ARG A 108 6.38 -0.91 -4.94
N TYR A 109 6.54 -0.07 -5.96
N TYR A 109 6.56 -0.04 -5.93
CA TYR A 109 5.41 0.33 -6.80
CA TYR A 109 5.46 0.42 -6.78
C TYR A 109 4.74 -0.90 -7.33
C TYR A 109 4.77 -0.76 -7.47
N LEU A 110 5.57 -1.73 -7.95
CA LEU A 110 5.08 -2.94 -8.58
C LEU A 110 4.25 -3.80 -7.65
N THR A 111 4.77 -4.09 -6.46
N THR A 111 4.72 -3.95 -6.42
CA THR A 111 4.05 -4.97 -5.54
CA THR A 111 3.97 -4.74 -5.47
C THR A 111 2.78 -4.34 -4.95
C THR A 111 2.72 -4.03 -4.89
N TRP A 112 2.75 -3.02 -4.84
N TRP A 112 2.68 -2.67 -4.89
CA TRP A 112 1.57 -2.34 -4.30
CA TRP A 112 1.52 -1.95 -4.38
C TRP A 112 0.37 -2.70 -5.17
C TRP A 112 0.31 -2.32 -5.26
N ALA A 113 0.61 -2.79 -6.48
CA ALA A 113 -0.45 -3.16 -7.42
C ALA A 113 -1.13 -4.47 -7.02
N LEU A 114 -0.52 -5.19 -6.08
CA LEU A 114 -1.11 -6.43 -5.60
C LEU A 114 -1.56 -6.27 -4.13
N SER A 115 -0.83 -5.48 -3.36
N SER A 115 -0.88 -5.41 -3.37
CA SER A 115 -1.23 -5.27 -1.98
CA SER A 115 -1.23 -5.19 -1.96
C SER A 115 -2.36 -4.26 -1.78
C SER A 115 -2.34 -4.16 -1.73
N THR A 116 -2.40 -3.15 -2.54
CA THR A 116 -3.47 -2.21 -2.34
C THR A 116 -4.81 -2.87 -2.70
N PRO A 117 -4.84 -3.72 -3.76
CA PRO A 117 -6.11 -4.36 -4.11
C PRO A 117 -6.64 -5.31 -3.01
N MET A 118 -5.75 -5.98 -2.28
CA MET A 118 -6.18 -6.89 -1.21
C MET A 118 -6.70 -6.09 -0.01
N ILE A 119 -6.11 -4.92 0.23
CA ILE A 119 -6.57 -4.08 1.33
C ILE A 119 -7.99 -3.65 1.02
N LEU A 120 -8.22 -3.28 -0.24
CA LEU A 120 -9.54 -2.83 -0.69
C LEU A 120 -10.59 -3.93 -0.70
N LEU A 121 -10.17 -5.17 -0.97
CA LEU A 121 -11.12 -6.28 -0.97
C LEU A 121 -11.58 -6.48 0.47
N ALA A 122 -10.63 -6.45 1.40
CA ALA A 122 -10.95 -6.65 2.82
C ALA A 122 -12.00 -5.63 3.26
N LEU A 123 -11.76 -4.36 2.93
CA LEU A 123 -12.69 -3.28 3.27
C LEU A 123 -14.00 -3.43 2.54
N GLY A 124 -13.93 -3.82 1.27
CA GLY A 124 -15.14 -3.99 0.47
C GLY A 124 -16.08 -5.04 1.02
N LEU A 125 -15.51 -6.14 1.53
CA LEU A 125 -16.31 -7.21 2.12
C LEU A 125 -16.92 -6.74 3.43
N LEU A 126 -16.09 -6.16 4.28
CA LEU A 126 -16.54 -5.65 5.57
C LEU A 126 -17.73 -4.72 5.37
N ALA A 127 -17.63 -3.85 4.37
CA ALA A 127 -18.68 -2.90 4.07
C ALA A 127 -19.79 -3.46 3.18
N ASP A 128 -19.60 -4.68 2.68
CA ASP A 128 -20.57 -5.34 1.82
C ASP A 128 -21.00 -4.42 0.66
N VAL A 129 -20.01 -3.92 -0.08
CA VAL A 129 -20.25 -3.01 -1.20
C VAL A 129 -20.68 -3.73 -2.48
N ASP A 130 -21.14 -2.94 -3.46
CA ASP A 130 -21.57 -3.50 -4.74
C ASP A 130 -20.39 -4.09 -5.50
N LEU A 131 -20.66 -5.16 -6.24
CA LEU A 131 -19.63 -5.85 -7.03
C LEU A 131 -19.04 -4.91 -8.09
N GLY A 132 -19.92 -4.11 -8.70
CA GLY A 132 -19.47 -3.18 -9.73
C GLY A 132 -18.59 -2.08 -9.17
N SER A 133 -18.87 -1.68 -7.93
CA SER A 133 -18.10 -0.62 -7.29
C SER A 133 -16.71 -1.15 -6.92
N LEU A 134 -16.69 -2.34 -6.32
CA LEU A 134 -15.42 -2.96 -5.94
C LEU A 134 -14.52 -3.12 -7.15
N PHE A 135 -15.10 -3.51 -8.27
CA PHE A 135 -14.34 -3.71 -9.49
C PHE A 135 -13.77 -2.42 -10.05
N THR A 136 -14.57 -1.35 -10.02
CA THR A 136 -14.12 -0.06 -10.55
C THR A 136 -12.98 0.49 -9.70
N VAL A 137 -13.09 0.33 -8.40
CA VAL A 137 -12.07 0.82 -7.47
C VAL A 137 -10.74 0.10 -7.63
N ILE A 138 -10.77 -1.23 -7.75
CA ILE A 138 -9.55 -1.99 -7.93
C ILE A 138 -8.86 -1.60 -9.24
N ALA A 139 -9.66 -1.33 -10.26
CA ALA A 139 -9.11 -0.94 -11.56
C ALA A 139 -8.39 0.40 -11.41
N ALA A 140 -9.01 1.34 -10.68
CA ALA A 140 -8.41 2.65 -10.46
C ALA A 140 -7.14 2.53 -9.62
N ASP A 141 -7.17 1.61 -8.65
CA ASP A 141 -6.01 1.41 -7.79
C ASP A 141 -4.85 0.86 -8.61
N ILE A 142 -5.13 -0.08 -9.51
CA ILE A 142 -4.06 -0.64 -10.34
C ILE A 142 -3.49 0.46 -11.23
N GLY A 143 -4.35 1.31 -11.77
CA GLY A 143 -3.89 2.40 -12.61
C GLY A 143 -2.99 3.34 -11.82
N MET A 144 -3.35 3.59 -10.56
CA MET A 144 -2.56 4.48 -9.71
C MET A 144 -1.15 3.91 -9.52
N CYS A 145 -1.05 2.61 -9.25
CA CYS A 145 0.23 1.97 -9.04
C CYS A 145 1.12 1.90 -10.28
N VAL A 146 0.53 1.58 -11.43
CA VAL A 146 1.32 1.48 -12.65
C VAL A 146 1.78 2.84 -13.19
N THR A 147 0.98 3.89 -13.00
CA THR A 147 1.41 5.20 -13.49
C THR A 147 2.46 5.75 -12.54
N GLY A 148 2.43 5.29 -11.29
CA GLY A 148 3.43 5.72 -10.33
C GLY A 148 4.75 5.07 -10.73
N LEU A 149 4.69 3.82 -11.20
CA LEU A 149 5.89 3.11 -11.64
C LEU A 149 6.45 3.84 -12.88
N ALA A 150 5.55 4.24 -13.77
CA ALA A 150 5.94 4.95 -14.98
C ALA A 150 6.67 6.26 -14.64
N ALA A 151 6.18 6.96 -13.62
CA ALA A 151 6.80 8.20 -13.20
C ALA A 151 8.24 7.95 -12.78
N ALA A 152 8.45 6.89 -12.00
CA ALA A 152 9.80 6.52 -11.52
C ALA A 152 10.74 6.06 -12.64
N MET A 153 10.20 5.32 -13.61
CA MET A 153 11.01 4.78 -14.70
C MET A 153 11.28 5.72 -15.88
N THR A 154 10.53 6.81 -15.98
CA THR A 154 10.71 7.74 -17.10
C THR A 154 12.00 8.56 -16.99
N THR A 155 12.82 8.52 -18.04
CA THR A 155 14.10 9.23 -18.01
C THR A 155 14.29 10.28 -19.10
N SER A 156 13.38 10.38 -20.06
CA SER A 156 13.58 11.33 -21.16
C SER A 156 13.44 12.81 -20.78
N ALA A 157 12.46 13.14 -19.96
CA ALA A 157 12.25 14.54 -19.56
C ALA A 157 11.53 14.61 -18.22
N LEU A 158 11.89 15.62 -17.42
CA LEU A 158 11.29 15.84 -16.11
C LEU A 158 9.77 16.03 -16.23
N LEU A 159 9.34 16.70 -17.30
CA LEU A 159 7.92 16.94 -17.55
C LEU A 159 7.07 15.67 -17.52
N PHE A 160 7.56 14.63 -18.18
CA PHE A 160 6.81 13.37 -18.23
C PHE A 160 6.79 12.63 -16.89
N ARG A 161 7.83 12.80 -16.09
CA ARG A 161 7.87 12.14 -14.78
C ARG A 161 6.74 12.69 -13.91
N TRP A 162 6.59 14.02 -13.91
CA TRP A 162 5.58 14.66 -13.10
C TRP A 162 4.18 14.56 -13.71
N ALA A 163 4.11 14.34 -15.02
CA ALA A 163 2.82 14.19 -15.68
C ALA A 163 2.22 12.86 -15.21
N PHE A 164 3.05 11.82 -15.14
CA PHE A 164 2.57 10.51 -14.66
C PHE A 164 2.16 10.62 -13.19
N TYR A 165 2.94 11.33 -12.40
CA TYR A 165 2.64 11.54 -10.97
C TYR A 165 1.24 12.16 -10.82
N ALA A 166 0.97 13.19 -11.64
CA ALA A 166 -0.32 13.86 -11.60
C ALA A 166 -1.48 12.92 -11.99
N ILE A 167 -1.26 12.09 -13.02
CA ILE A 167 -2.30 11.17 -13.45
C ILE A 167 -2.53 10.12 -12.36
N SER A 168 -1.44 9.71 -11.70
CA SER A 168 -1.54 8.73 -10.64
C SER A 168 -2.40 9.32 -9.53
N CYS A 169 -2.22 10.62 -9.26
CA CYS A 169 -3.01 11.30 -8.22
C CYS A 169 -4.49 11.26 -8.57
N ALA A 170 -4.80 11.40 -9.86
CA ALA A 170 -6.19 11.37 -10.32
C ALA A 170 -6.84 10.02 -10.03
N PHE A 171 -6.11 8.92 -10.29
CA PHE A 171 -6.64 7.59 -10.01
C PHE A 171 -6.86 7.46 -8.50
N PHE A 172 -5.92 8.02 -7.72
CA PHE A 172 -6.04 7.98 -6.26
C PHE A 172 -7.35 8.62 -5.82
N VAL A 173 -7.73 9.71 -6.49
CA VAL A 173 -8.98 10.40 -6.17
C VAL A 173 -10.20 9.52 -6.48
N VAL A 174 -10.11 8.74 -7.55
CA VAL A 174 -11.21 7.84 -7.90
C VAL A 174 -11.40 6.84 -6.76
N VAL A 175 -10.30 6.26 -6.28
CA VAL A 175 -10.36 5.30 -5.17
C VAL A 175 -10.96 5.93 -3.91
N LEU A 176 -10.49 7.12 -3.55
CA LEU A 176 -10.97 7.82 -2.36
C LEU A 176 -12.44 8.19 -2.41
N SER A 177 -12.91 8.59 -3.60
CA SER A 177 -14.31 9.00 -3.77
C SER A 177 -15.27 7.89 -3.34
N ALA A 178 -14.88 6.64 -3.56
CA ALA A 178 -15.72 5.51 -3.19
C ALA A 178 -15.78 5.38 -1.67
N LEU A 179 -14.65 5.58 -1.00
CA LEU A 179 -14.59 5.48 0.46
C LEU A 179 -15.45 6.55 1.15
N VAL A 180 -15.60 7.71 0.53
CA VAL A 180 -16.39 8.77 1.12
C VAL A 180 -17.84 8.77 0.67
N THR A 181 -18.18 7.94 -0.31
CA THR A 181 -19.56 7.90 -0.80
C THR A 181 -20.30 6.57 -0.67
N ASP A 182 -20.37 5.81 -1.76
CA ASP A 182 -21.11 4.57 -1.73
C ASP A 182 -20.62 3.46 -0.80
N TRP A 183 -19.33 3.43 -0.50
CA TRP A 183 -18.81 2.39 0.41
C TRP A 183 -19.25 2.66 1.85
N ALA A 184 -19.37 3.93 2.21
CA ALA A 184 -19.79 4.30 3.55
C ALA A 184 -21.29 4.01 3.70
N ALA A 185 -22.03 4.24 2.63
CA ALA A 185 -23.48 3.99 2.64
C ALA A 185 -23.76 2.51 2.75
N SER A 186 -22.91 1.69 2.15
CA SER A 186 -23.06 0.24 2.18
C SER A 186 -22.75 -0.30 3.57
N ALA A 187 -21.73 0.28 4.22
CA ALA A 187 -21.34 -0.16 5.55
C ALA A 187 -22.45 0.15 6.55
N SER A 188 -23.14 1.27 6.33
CA SER A 188 -24.23 1.68 7.21
C SER A 188 -25.40 0.70 7.13
N SER A 189 -25.67 0.19 5.94
CA SER A 189 -26.77 -0.76 5.76
C SER A 189 -26.30 -2.18 6.09
N ALA A 190 -25.00 -2.35 6.27
CA ALA A 190 -24.45 -3.65 6.61
C ALA A 190 -24.16 -3.74 8.12
N GLY A 191 -24.40 -2.64 8.83
CA GLY A 191 -24.17 -2.60 10.27
C GLY A 191 -22.72 -2.54 10.70
N THR A 192 -21.84 -2.11 9.80
CA THR A 192 -20.41 -2.02 10.11
C THR A 192 -19.85 -0.60 9.98
N ALA A 193 -20.73 0.39 10.06
CA ALA A 193 -20.33 1.79 9.93
C ALA A 193 -19.30 2.27 10.94
N GLU A 194 -19.36 1.74 12.16
CA GLU A 194 -18.42 2.14 13.22
C GLU A 194 -16.99 1.77 12.87
N ILE A 195 -16.76 0.51 12.54
CA ILE A 195 -15.43 0.04 12.20
C ILE A 195 -14.97 0.62 10.86
N PHE A 196 -15.90 0.77 9.91
CA PHE A 196 -15.55 1.32 8.61
C PHE A 196 -15.05 2.76 8.71
N ASP A 197 -15.75 3.59 9.49
CA ASP A 197 -15.36 4.98 9.67
C ASP A 197 -13.98 5.10 10.27
N THR A 198 -13.66 4.21 11.20
CA THR A 198 -12.34 4.21 11.84
C THR A 198 -11.29 3.85 10.79
N LEU A 199 -11.50 2.76 10.08
CA LEU A 199 -10.54 2.30 9.06
C LEU A 199 -10.40 3.30 7.91
N ARG A 200 -11.48 3.99 7.57
CA ARG A 200 -11.46 4.98 6.49
C ARG A 200 -10.48 6.10 6.81
N VAL A 201 -10.51 6.59 8.04
CA VAL A 201 -9.60 7.66 8.45
C VAL A 201 -8.16 7.19 8.28
N LEU A 202 -7.87 5.98 8.77
CA LEU A 202 -6.52 5.43 8.67
C LEU A 202 -6.06 5.32 7.21
N VAL A 203 -6.94 4.81 6.35
CA VAL A 203 -6.61 4.65 4.94
C VAL A 203 -6.29 6.00 4.29
N VAL A 204 -7.22 6.95 4.38
CA VAL A 204 -6.97 8.24 3.76
C VAL A 204 -5.71 8.96 4.27
N VAL A 205 -5.57 9.08 5.59
CA VAL A 205 -4.40 9.76 6.15
C VAL A 205 -3.10 9.04 5.78
N LEU A 206 -3.06 7.74 6.00
CA LEU A 206 -1.85 6.99 5.69
C LEU A 206 -1.54 6.91 4.19
N TRP A 207 -2.55 6.73 3.36
N TRP A 207 -2.57 6.88 3.32
CA TRP A 207 -2.25 6.66 1.95
CA TRP A 207 -2.31 6.78 1.88
C TRP A 207 -1.70 8.00 1.42
C TRP A 207 -1.81 8.11 1.29
N LEU A 208 -2.15 9.17 1.96
CA LEU A 208 -1.66 10.45 1.51
C LEU A 208 -0.16 10.53 1.77
N GLY A 209 0.33 9.71 2.69
CA GLY A 209 1.76 9.73 3.00
C GLY A 209 2.66 9.26 1.86
N TYR A 210 2.20 8.29 1.08
CA TYR A 210 3.04 7.78 0.00
C TYR A 210 3.40 8.81 -1.09
N PRO A 211 2.40 9.55 -1.61
CA PRO A 211 2.78 10.53 -2.64
C PRO A 211 3.65 11.68 -2.09
N ILE A 212 3.54 11.93 -0.79
CA ILE A 212 4.34 12.99 -0.17
C ILE A 212 5.80 12.55 -0.09
N VAL A 213 6.03 11.28 0.25
CA VAL A 213 7.39 10.74 0.32
C VAL A 213 8.02 10.73 -1.07
N TRP A 214 7.25 10.35 -2.07
CA TRP A 214 7.75 10.31 -3.44
C TRP A 214 8.17 11.71 -3.86
N ALA A 215 7.30 12.67 -3.61
CA ALA A 215 7.55 14.08 -3.95
C ALA A 215 8.73 14.68 -3.20
N VAL A 216 8.81 14.45 -1.89
CA VAL A 216 9.90 15.01 -1.10
C VAL A 216 11.23 14.25 -1.23
N GLY A 217 11.11 12.94 -1.51
CA GLY A 217 12.27 12.09 -1.67
C GLY A 217 13.10 12.27 -2.94
N VAL A 218 14.13 11.45 -3.10
CA VAL A 218 15.07 11.53 -4.22
C VAL A 218 14.54 11.42 -5.66
N GLU A 219 13.38 10.77 -5.79
N GLU A 219 13.35 10.88 -5.85
CA GLU A 219 12.73 10.56 -7.08
CA GLU A 219 12.78 10.70 -7.17
C GLU A 219 11.82 11.73 -7.52
C GLU A 219 11.85 11.85 -7.57
N GLY A 220 11.38 12.55 -6.56
CA GLY A 220 10.53 13.67 -6.83
C GLY A 220 11.42 14.90 -6.86
N LEU A 221 11.23 15.76 -5.86
CA LEU A 221 11.98 17.01 -5.75
C LEU A 221 13.37 16.81 -5.15
N ALA A 222 13.55 15.70 -4.45
CA ALA A 222 14.82 15.37 -3.81
C ALA A 222 15.20 16.41 -2.74
N LEU A 223 14.21 16.83 -1.96
CA LEU A 223 14.46 17.78 -0.89
C LEU A 223 15.31 17.01 0.13
N VAL A 224 15.13 15.69 0.12
CA VAL A 224 15.88 14.77 0.96
C VAL A 224 16.53 13.89 -0.11
N GLN A 225 17.86 13.92 -0.19
CA GLN A 225 18.57 13.15 -1.21
C GLN A 225 18.96 11.74 -0.79
N SER A 226 18.77 11.43 0.48
CA SER A 226 19.13 10.10 0.99
C SER A 226 18.16 9.00 0.56
N VAL A 227 18.70 7.98 -0.11
CA VAL A 227 17.87 6.85 -0.55
C VAL A 227 17.51 6.02 0.67
N GLY A 228 18.42 5.94 1.64
CA GLY A 228 18.17 5.19 2.85
C GLY A 228 17.01 5.81 3.64
N ALA A 229 17.00 7.14 3.72
CA ALA A 229 15.95 7.86 4.43
C ALA A 229 14.62 7.70 3.71
N THR A 230 14.64 7.81 2.38
CA THR A 230 13.43 7.68 1.58
C THR A 230 12.86 6.28 1.82
N SER A 231 13.72 5.27 1.85
CA SER A 231 13.28 3.90 2.07
C SER A 231 12.64 3.72 3.45
N TRP A 232 13.24 4.29 4.49
CA TRP A 232 12.68 4.18 5.83
C TRP A 232 11.30 4.84 5.94
N ALA A 233 11.09 5.92 5.18
CA ALA A 233 9.79 6.60 5.21
C ALA A 233 8.69 5.64 4.71
N TYR A 234 8.93 4.98 3.58
CA TYR A 234 7.95 4.03 3.04
C TYR A 234 7.76 2.84 3.99
N SER A 235 8.85 2.36 4.59
CA SER A 235 8.77 1.22 5.50
C SER A 235 7.91 1.52 6.73
N VAL A 236 8.03 2.73 7.27
CA VAL A 236 7.22 3.11 8.43
C VAL A 236 5.75 3.17 8.03
N LEU A 237 5.46 3.75 6.87
CA LEU A 237 4.09 3.85 6.39
C LEU A 237 3.48 2.45 6.25
N ASP A 238 4.24 1.52 5.68
N ASP A 238 4.22 1.53 5.64
CA ASP A 238 3.78 0.15 5.49
CA ASP A 238 3.77 0.16 5.46
C ASP A 238 3.39 -0.51 6.82
C ASP A 238 3.38 -0.48 6.80
N VAL A 239 4.17 -0.23 7.85
CA VAL A 239 3.91 -0.80 9.18
C VAL A 239 2.50 -0.45 9.64
N PHE A 240 2.10 0.80 9.43
CA PHE A 240 0.78 1.25 9.83
C PHE A 240 -0.32 0.97 8.81
N ALA A 241 -0.05 1.27 7.54
CA ALA A 241 -1.04 1.07 6.48
C ALA A 241 -1.37 -0.39 6.21
N LYS A 242 -0.44 -1.28 6.55
N LYS A 242 -0.47 -1.28 6.57
CA LYS A 242 -0.64 -2.71 6.34
CA LYS A 242 -0.69 -2.71 6.37
C LYS A 242 -0.82 -3.54 7.60
C LYS A 242 -0.85 -3.55 7.63
N TYR A 243 0.23 -3.66 8.41
CA TYR A 243 0.19 -4.47 9.63
C TYR A 243 -0.74 -4.00 10.74
N VAL A 244 -0.62 -2.74 11.14
CA VAL A 244 -1.50 -2.23 12.19
C VAL A 244 -2.94 -2.14 11.66
N PHE A 245 -3.10 -1.74 10.41
CA PHE A 245 -4.42 -1.66 9.79
C PHE A 245 -5.10 -3.03 9.79
N ALA A 246 -4.35 -4.05 9.36
CA ALA A 246 -4.87 -5.42 9.30
C ALA A 246 -5.28 -5.93 10.68
N PHE A 247 -4.44 -5.64 11.67
CA PHE A 247 -4.72 -6.06 13.05
C PHE A 247 -6.03 -5.47 13.58
N ILE A 248 -6.19 -4.17 13.39
CA ILE A 248 -7.39 -3.47 13.84
C ILE A 248 -8.63 -4.05 13.17
N LEU A 249 -8.55 -4.29 11.88
CA LEU A 249 -9.67 -4.86 11.13
C LEU A 249 -9.98 -6.28 11.61
N LEU A 250 -8.96 -7.13 11.66
CA LEU A 250 -9.12 -8.50 12.10
C LEU A 250 -9.65 -8.63 13.53
N ARG A 251 -9.13 -7.79 14.43
CA ARG A 251 -9.56 -7.83 15.83
C ARG A 251 -11.05 -7.51 15.97
N TRP A 252 -11.53 -6.55 15.18
CA TRP A 252 -12.94 -6.17 15.22
C TRP A 252 -13.79 -7.33 14.71
N VAL A 253 -13.40 -7.89 13.58
CA VAL A 253 -14.15 -9.00 12.99
C VAL A 253 -14.23 -10.18 13.95
N ALA A 254 -13.12 -10.51 14.61
CA ALA A 254 -13.09 -11.62 15.54
C ALA A 254 -14.04 -11.41 16.71
N ASN A 255 -14.31 -10.15 17.03
CA ASN A 255 -15.20 -9.82 18.15
C ASN A 255 -16.59 -9.39 17.71
N ASN A 256 -16.86 -9.44 16.40
CA ASN A 256 -18.17 -9.05 15.88
C ASN A 256 -18.62 -9.94 14.72
N GLU A 257 -18.24 -11.22 14.79
CA GLU A 257 -18.59 -12.19 13.77
C GLU A 257 -20.10 -12.22 13.53
N ARG A 258 -20.84 -11.83 14.55
CA ARG A 258 -22.30 -11.82 14.52
C ARG A 258 -22.83 -10.86 13.45
N THR A 259 -22.40 -9.60 13.50
CA THR A 259 -22.86 -8.60 12.54
C THR A 259 -22.24 -8.77 11.15
N VAL A 260 -21.04 -9.34 11.10
CA VAL A 260 -20.36 -9.55 9.83
C VAL A 260 -20.97 -10.72 9.05
N ALA A 261 -21.12 -11.85 9.72
CA ALA A 261 -21.68 -13.05 9.09
C ALA A 261 -23.13 -12.88 8.65
N VAL A 262 -23.93 -12.20 9.47
CA VAL A 262 -25.34 -11.99 9.16
C VAL A 262 -25.57 -11.15 7.90
N ALA A 263 -24.49 -10.87 7.17
CA ALA A 263 -24.58 -10.08 5.96
C ALA A 263 -24.62 -10.99 4.73
CL CL B . 3.54 -4.72 -0.88
CL CL B . 3.48 -4.39 -0.98
CL CL C . 17.24 -0.64 -2.19
CL CL C . 17.30 -0.89 -1.89
C1 PLM D . 7.63 -9.40 -5.85
O1 PLM D . 8.69 -10.01 -6.04
O2 PLM D . 7.19 -9.14 -4.70
C2 PLM D . 6.86 -8.95 -7.08
C3 PLM D . 5.36 -9.22 -7.10
C4 PLM D . 4.79 -8.68 -8.40
C5 PLM D . 3.30 -8.90 -8.48
C6 PLM D . 2.61 -7.81 -9.26
C7 PLM D . 1.16 -8.23 -9.36
C8 PLM D . 0.28 -7.23 -10.09
C9 PLM D . -1.11 -7.83 -10.11
CA PLM D . -2.18 -6.98 -10.77
CB PLM D . -3.56 -7.61 -10.86
CC PLM D . -4.19 -8.06 -9.55
CD PLM D . -5.56 -8.70 -9.68
CE PLM D . -5.93 -9.02 -8.25
CF PLM D . -7.42 -9.23 -8.09
CG PLM D . -7.71 -9.54 -6.63
C1 BOG E . 11.23 20.07 -9.80
O1 BOG E . 10.17 19.80 -10.73
C2 BOG E . 12.22 18.85 -9.77
O2 BOG E . 11.51 17.66 -9.39
C3 BOG E . 13.37 19.16 -8.76
O3 BOG E . 14.28 18.06 -8.70
C4 BOG E . 14.10 20.44 -9.21
O4 BOG E . 15.17 20.76 -8.32
C5 BOG E . 13.09 21.64 -9.28
O5 BOG E . 11.98 21.29 -10.18
C6 BOG E . 13.79 22.91 -9.75
O6 BOG E . 14.25 22.81 -11.10
C1' BOG E . 9.22 20.86 -10.82
C2' BOG E . 7.96 20.34 -11.47
C3' BOG E . 6.95 20.06 -10.40
C4' BOG E . 5.64 19.54 -10.96
C5' BOG E . 4.64 19.26 -9.85
C6' BOG E . 3.43 18.51 -10.38
C7' BOG E . 2.44 18.23 -9.29
C8' BOG E . 1.25 17.48 -9.86
C1 RET F . 2.69 7.20 -5.74
C1 RET F . 2.79 7.12 -5.84
C2 RET F . 3.33 8.30 -6.71
C2 RET F . 3.50 8.25 -6.77
C3 RET F . 2.35 8.97 -7.73
C3 RET F . 2.50 9.06 -7.70
C4 RET F . 1.16 9.70 -6.98
C4 RET F . 1.34 9.77 -6.85
C5 RET F . 0.42 8.80 -5.90
C5 RET F . 0.52 8.71 -5.94
C6 RET F . 1.15 7.56 -5.27
C6 RET F . 1.21 7.50 -5.32
C7 RET F . 0.37 6.72 -4.32
C7 RET F . 0.39 6.69 -4.33
C8 RET F . 0.63 5.54 -3.71
C8 RET F . 0.62 5.48 -3.72
C9 RET F . -0.15 4.96 -2.65
C9 RET F . -0.16 4.91 -2.61
C10 RET F . 0.48 3.82 -2.15
C10 RET F . 0.34 3.66 -2.18
C11 RET F . 0.01 3.04 -1.12
C11 RET F . -0.14 2.96 -1.04
C12 RET F . 0.76 1.95 -0.67
C12 RET F . 0.30 1.69 -0.60
C13 RET F . 0.29 1.05 0.37
C13 RET F . -0.22 1.07 0.68
C14 RET F . 1.20 -0.02 0.63
C14 RET F . 0.24 -0.13 1.18
C15 RET F . 0.96 -1.14 1.38
C15 RET F . 1.09 -1.13 0.69
C16 RET F . 2.74 5.88 -6.59
C16 RET F . 2.80 5.84 -6.65
C17 RET F . 3.71 7.11 -4.47
C17 RET F . 3.79 7.00 -4.64
C18 RET F . -1.00 9.24 -5.51
C18 RET F . -1.00 9.04 -5.79
C19 RET F . -1.46 5.70 -2.03
C19 RET F . -1.43 5.65 -1.96
C20 RET F . -1.02 1.25 1.13
C20 RET F . -1.02 1.76 1.63
#